data_3W8S
#
_entry.id   3W8S
#
_cell.length_a   67.120
_cell.length_b   67.120
_cell.length_c   134.950
_cell.angle_alpha   90.00
_cell.angle_beta   90.00
_cell.angle_gamma   90.00
#
_symmetry.space_group_name_H-M   'P 43 21 2'
#
loop_
_entity.id
_entity.type
_entity.pdbx_description
1 polymer 'Glutathione S-transferase-3'
2 non-polymer GLUTATHIONE
3 non-polymer 'SULFATE ION'
4 non-polymer GLYCEROL
5 water water
#
_entity_poly.entity_id   1
_entity_poly.type   'polypeptide(L)'
_entity_poly.pdbx_seq_one_letter_code
;MVHYKLTYFDGRGAAEIIRQIFVLAGQEYEDIRLSHDEWPKYKNEMPFGQLPVLEVDGKKLAQSFAIARFVAKKFGFAGK
CPFEEALVDSITDQYKDFINEIRPFLRVAMGFAEGDLEKLSNEVFLPAREKFFGFMTNFLKESKSGYLVGDSLTFADLYL
AECASEFAKKTPTIFDGFPEIKAHAEKVRSNPALKKWIETRPETKF
;
_entity_poly.pdbx_strand_id   A
#
loop_
_chem_comp.id
_chem_comp.type
_chem_comp.name
_chem_comp.formula
GOL non-polymer GLYCEROL 'C3 H8 O3'
GSH non-polymer GLUTATHIONE 'C10 H17 N3 O6 S'
SO4 non-polymer 'SULFATE ION' 'O4 S -2'
#
# COMPACT_ATOMS: atom_id res chain seq x y z
N VAL A 2 -4.77 -22.38 -11.05
CA VAL A 2 -3.63 -21.49 -10.54
C VAL A 2 -3.72 -21.33 -9.04
N HIS A 3 -2.71 -21.71 -8.27
CA HIS A 3 -2.78 -21.49 -6.80
C HIS A 3 -1.83 -20.32 -6.36
N TYR A 4 -2.33 -19.46 -5.48
CA TYR A 4 -1.58 -18.30 -4.96
C TYR A 4 -1.36 -18.44 -3.48
N LYS A 5 -0.13 -18.22 -3.06
CA LYS A 5 0.16 -18.17 -1.61
C LYS A 5 0.86 -16.85 -1.38
N LEU A 6 0.46 -16.09 -0.40
CA LEU A 6 1.16 -14.85 -0.11
C LEU A 6 1.70 -14.99 1.32
N THR A 7 3.01 -14.82 1.53
CA THR A 7 3.62 -14.89 2.87
C THR A 7 4.14 -13.51 3.34
N TYR A 8 3.71 -13.15 4.53
CA TYR A 8 4.14 -11.96 5.13
C TYR A 8 4.20 -12.23 6.64
N PHE A 9 4.50 -11.19 7.41
CA PHE A 9 4.33 -11.27 8.87
C PHE A 9 2.89 -10.98 9.22
N ASP A 10 2.59 -10.99 10.50
CA ASP A 10 1.16 -10.68 10.92
C ASP A 10 0.90 -9.20 10.98
N GLY A 11 0.65 -8.58 9.83
CA GLY A 11 0.39 -7.17 9.87
C GLY A 11 0.00 -6.78 8.45
N ARG A 12 -0.36 -5.51 8.27
CA ARG A 12 -0.82 -5.09 6.94
C ARG A 12 0.48 -4.80 6.19
N GLY A 13 1.22 -3.80 6.67
CA GLY A 13 2.60 -3.47 6.21
C GLY A 13 2.65 -3.45 4.69
N ALA A 14 3.72 -4.06 4.18
CA ALA A 14 4.05 -4.01 2.77
C ALA A 14 3.22 -5.03 1.93
N ALA A 15 2.46 -5.94 2.57
CA ALA A 15 1.68 -6.97 1.87
C ALA A 15 0.27 -6.50 1.58
N GLU A 16 -0.21 -5.45 2.25
CA GLU A 16 -1.69 -5.25 2.34
C GLU A 16 -2.33 -4.92 0.98
N ILE A 17 -1.63 -4.15 0.13
CA ILE A 17 -2.23 -3.83 -1.20
C ILE A 17 -2.37 -5.07 -2.08
N ILE A 18 -1.37 -5.95 -2.00
CA ILE A 18 -1.46 -7.22 -2.72
C ILE A 18 -2.75 -7.98 -2.26
N ARG A 19 -3.02 -8.05 -0.94
CA ARG A 19 -4.27 -8.69 -0.42
C ARG A 19 -5.51 -8.02 -0.99
N GLN A 20 -5.48 -6.68 -1.04
CA GLN A 20 -6.66 -5.95 -1.54
C GLN A 20 -6.89 -6.17 -3.05
N ILE A 21 -5.82 -6.36 -3.82
CA ILE A 21 -5.97 -6.73 -5.24
C ILE A 21 -6.66 -8.10 -5.42
N PHE A 22 -6.24 -9.07 -4.63
CA PHE A 22 -6.93 -10.39 -4.60
C PHE A 22 -8.38 -10.19 -4.20
N VAL A 23 -8.62 -9.36 -3.18
CA VAL A 23 -10.01 -9.07 -2.72
C VAL A 23 -10.89 -8.53 -3.86
N LEU A 24 -10.40 -7.51 -4.56
CA LEU A 24 -11.14 -6.93 -5.63
C LEU A 24 -11.35 -7.91 -6.77
N ALA A 25 -10.40 -8.82 -6.97
CA ALA A 25 -10.50 -9.74 -8.09
C ALA A 25 -11.46 -10.85 -7.69
N GLY A 26 -11.78 -11.02 -6.41
CA GLY A 26 -12.56 -12.23 -6.06
C GLY A 26 -11.67 -13.46 -6.04
N GLN A 27 -10.34 -13.31 -5.90
CA GLN A 27 -9.50 -14.46 -6.17
C GLN A 27 -9.07 -15.02 -4.83
N GLU A 28 -9.20 -16.35 -4.64
CA GLU A 28 -8.80 -16.90 -3.37
C GLU A 28 -7.27 -17.12 -3.35
N TYR A 29 -6.69 -16.96 -2.16
CA TYR A 29 -5.23 -17.17 -2.01
C TYR A 29 -5.00 -17.55 -0.58
N GLU A 30 -3.88 -18.24 -0.27
CA GLU A 30 -3.52 -18.50 1.12
C GLU A 30 -2.80 -17.26 1.69
N ASP A 31 -3.39 -16.66 2.71
CA ASP A 31 -2.82 -15.48 3.34
C ASP A 31 -1.96 -15.95 4.53
N ILE A 32 -0.67 -16.21 4.30
CA ILE A 32 0.21 -16.87 5.29
C ILE A 32 0.89 -15.79 6.11
N ARG A 33 0.81 -15.89 7.43
CA ARG A 33 1.28 -14.81 8.28
C ARG A 33 2.24 -15.46 9.29
N LEU A 34 3.54 -15.23 9.15
CA LEU A 34 4.53 -15.94 9.99
C LEU A 34 4.77 -15.13 11.24
N SER A 35 5.00 -15.84 12.36
CA SER A 35 5.29 -15.18 13.63
C SER A 35 6.74 -14.78 13.60
N HIS A 36 7.05 -13.84 14.48
CA HIS A 36 8.47 -13.44 14.68
C HIS A 36 9.32 -14.68 15.04
N ASP A 37 8.79 -15.60 15.84
CA ASP A 37 9.66 -16.66 16.33
C ASP A 37 9.98 -17.68 15.28
N GLU A 38 9.05 -17.94 14.39
CA GLU A 38 9.35 -18.91 13.38
C GLU A 38 10.10 -18.37 12.13
N TRP A 39 10.20 -17.05 12.02
CA TRP A 39 10.78 -16.38 10.83
C TRP A 39 12.16 -16.92 10.44
N PRO A 40 13.08 -17.11 11.43
CA PRO A 40 14.42 -17.54 11.05
C PRO A 40 14.39 -18.88 10.43
N LYS A 41 13.39 -19.71 10.77
CA LYS A 41 13.32 -21.01 10.10
C LYS A 41 12.94 -20.94 8.57
N TYR A 42 12.24 -19.88 8.14
CA TYR A 42 11.73 -19.82 6.77
C TYR A 42 12.44 -18.78 5.90
N LYS A 43 13.17 -17.84 6.54
CA LYS A 43 13.83 -16.75 5.84
C LYS A 43 14.56 -17.26 4.62
N ASN A 44 15.21 -18.43 4.78
CA ASN A 44 16.00 -19.02 3.71
C ASN A 44 15.19 -19.36 2.45
N GLU A 45 13.90 -19.61 2.61
CA GLU A 45 13.09 -19.96 1.42
C GLU A 45 12.72 -18.74 0.58
N MET A 46 13.01 -17.56 1.09
CA MET A 46 12.60 -16.37 0.33
C MET A 46 13.72 -15.89 -0.61
N PRO A 47 13.37 -15.53 -1.85
CA PRO A 47 14.42 -15.09 -2.79
C PRO A 47 15.41 -14.05 -2.29
N PHE A 48 14.97 -13.02 -1.55
CA PHE A 48 15.95 -12.06 -0.99
C PHE A 48 15.95 -12.05 0.54
N GLY A 49 15.62 -13.20 1.17
CA GLY A 49 15.64 -13.34 2.65
C GLY A 49 14.61 -12.40 3.28
N GLN A 50 13.57 -11.95 2.53
CA GLN A 50 12.62 -10.96 3.11
C GLN A 50 11.13 -11.22 2.68
N LEU A 51 10.18 -10.48 3.28
CA LEU A 51 8.75 -10.66 2.96
C LEU A 51 8.26 -9.32 2.53
N PRO A 52 7.19 -9.26 1.69
CA PRO A 52 6.35 -10.41 1.30
C PRO A 52 6.93 -11.24 0.14
N VAL A 53 6.45 -12.48 0.03
CA VAL A 53 6.75 -13.35 -1.11
C VAL A 53 5.43 -13.95 -1.60
N LEU A 54 5.24 -13.94 -2.93
CA LEU A 54 4.09 -14.59 -3.51
C LEU A 54 4.58 -15.92 -4.11
N GLU A 55 3.81 -16.98 -3.91
CA GLU A 55 4.09 -18.22 -4.60
C GLU A 55 2.95 -18.51 -5.61
N VAL A 56 3.29 -18.69 -6.89
CA VAL A 56 2.28 -18.77 -7.97
C VAL A 56 2.53 -20.18 -8.56
N ASP A 57 1.60 -21.11 -8.33
CA ASP A 57 1.80 -22.54 -8.63
C ASP A 57 3.20 -22.99 -8.25
N GLY A 58 3.62 -22.73 -7.02
CA GLY A 58 4.91 -23.22 -6.59
C GLY A 58 6.12 -22.34 -6.98
N LYS A 59 5.94 -21.32 -7.81
CA LYS A 59 7.07 -20.45 -8.19
C LYS A 59 7.14 -19.20 -7.28
N LYS A 60 8.31 -18.89 -6.71
CA LYS A 60 8.39 -17.77 -5.79
C LYS A 60 8.72 -16.44 -6.47
N LEU A 61 8.03 -15.40 -6.02
CA LEU A 61 8.25 -14.02 -6.48
C LEU A 61 8.30 -13.15 -5.22
N ALA A 62 9.40 -12.40 -5.09
CA ALA A 62 9.62 -11.43 -4.02
C ALA A 62 9.35 -10.01 -4.49
N GLN A 63 9.39 -9.08 -3.54
CA GLN A 63 9.40 -7.63 -3.76
C GLN A 63 7.99 -7.14 -3.87
N SER A 64 7.48 -6.44 -2.83
CA SER A 64 6.03 -6.17 -2.73
C SER A 64 5.53 -5.44 -3.98
N PHE A 65 6.29 -4.48 -4.57
CA PHE A 65 5.72 -3.80 -5.75
C PHE A 65 5.75 -4.64 -7.01
N ALA A 66 6.77 -5.49 -7.11
CA ALA A 66 6.79 -6.41 -8.27
C ALA A 66 5.56 -7.40 -8.17
N ILE A 67 5.28 -7.91 -6.98
CA ILE A 67 4.11 -8.80 -6.73
C ILE A 67 2.79 -8.04 -6.97
N ALA A 68 2.65 -6.84 -6.43
CA ALA A 68 1.38 -6.10 -6.61
C ALA A 68 1.15 -5.90 -8.11
N ARG A 69 2.22 -5.49 -8.82
CA ARG A 69 2.10 -5.28 -10.26
C ARG A 69 1.69 -6.58 -11.00
N PHE A 70 2.38 -7.65 -10.69
CA PHE A 70 2.09 -8.95 -11.29
C PHE A 70 0.58 -9.33 -11.12
N VAL A 71 0.07 -9.25 -9.87
CA VAL A 71 -1.35 -9.60 -9.56
C VAL A 71 -2.30 -8.56 -10.21
N ALA A 72 -1.96 -7.27 -10.07
CA ALA A 72 -2.81 -6.25 -10.69
C ALA A 72 -2.91 -6.50 -12.20
N LYS A 73 -1.83 -6.93 -12.87
CA LYS A 73 -1.89 -7.07 -14.33
C LYS A 73 -2.79 -8.31 -14.64
N LYS A 74 -2.72 -9.36 -13.82
CA LYS A 74 -3.55 -10.58 -14.03
C LYS A 74 -5.02 -10.19 -13.91
N PHE A 75 -5.33 -9.27 -13.00
CA PHE A 75 -6.77 -9.04 -12.65
C PHE A 75 -7.33 -7.72 -13.18
N GLY A 76 -6.52 -6.98 -13.95
CA GLY A 76 -7.06 -5.78 -14.59
C GLY A 76 -6.96 -4.50 -13.73
N PHE A 77 -6.04 -4.42 -12.75
CA PHE A 77 -5.92 -3.20 -11.94
C PHE A 77 -4.57 -2.43 -12.13
N ALA A 78 -3.85 -2.70 -13.22
CA ALA A 78 -2.48 -2.16 -13.40
C ALA A 78 -2.48 -0.96 -14.33
N GLY A 79 -3.64 -0.62 -14.89
CA GLY A 79 -3.78 0.44 -15.90
C GLY A 79 -4.28 -0.13 -17.24
N LYS A 80 -4.97 0.66 -18.02
CA LYS A 80 -5.73 0.10 -19.17
C LYS A 80 -5.00 0.14 -20.53
N CYS A 81 -3.81 0.71 -20.63
CA CYS A 81 -3.02 0.74 -21.88
C CYS A 81 -1.56 0.94 -21.40
N PRO A 82 -0.58 0.70 -22.29
CA PRO A 82 0.84 0.68 -21.88
C PRO A 82 1.33 1.99 -21.21
N PHE A 83 0.85 3.12 -21.69
CA PHE A 83 1.29 4.38 -21.08
C PHE A 83 0.70 4.61 -19.66
N GLU A 84 -0.56 4.27 -19.48
CA GLU A 84 -1.23 4.35 -18.23
C GLU A 84 -0.61 3.39 -17.22
N GLU A 85 -0.20 2.20 -17.66
CA GLU A 85 0.54 1.29 -16.78
C GLU A 85 1.80 1.94 -16.24
N ALA A 86 2.56 2.61 -17.12
CA ALA A 86 3.77 3.32 -16.75
C ALA A 86 3.44 4.48 -15.77
N LEU A 87 2.37 5.23 -15.99
CA LEU A 87 1.97 6.25 -15.03
C LEU A 87 1.65 5.63 -13.66
N VAL A 88 0.95 4.52 -13.66
CA VAL A 88 0.65 3.85 -12.41
C VAL A 88 1.94 3.48 -11.72
N ASP A 89 2.87 2.89 -12.46
CA ASP A 89 4.22 2.53 -11.91
C ASP A 89 4.96 3.77 -11.38
N SER A 90 4.87 4.90 -12.07
CA SER A 90 5.64 6.11 -11.63
C SER A 90 5.06 6.57 -10.27
N ILE A 91 3.72 6.47 -10.14
CA ILE A 91 3.09 6.91 -8.91
C ILE A 91 3.46 5.99 -7.73
N THR A 92 3.46 4.68 -7.95
CA THR A 92 3.88 3.77 -6.86
C THR A 92 5.38 3.90 -6.54
N ASP A 93 6.21 4.22 -7.53
CA ASP A 93 7.62 4.49 -7.24
C ASP A 93 7.76 5.79 -6.41
N GLN A 94 6.98 6.81 -6.74
CA GLN A 94 7.03 8.02 -5.90
C GLN A 94 6.58 7.76 -4.43
N TYR A 95 5.55 6.93 -4.29
CA TYR A 95 5.03 6.55 -3.00
C TYR A 95 6.16 5.81 -2.20
N LYS A 96 6.90 4.94 -2.87
CA LYS A 96 8.03 4.30 -2.24
C LYS A 96 9.08 5.34 -1.79
N ASP A 97 9.39 6.36 -2.61
CA ASP A 97 10.25 7.43 -2.15
C ASP A 97 9.69 8.14 -0.91
N PHE A 98 8.38 8.39 -0.88
CA PHE A 98 7.74 9.13 0.22
C PHE A 98 7.94 8.22 1.49
N ILE A 99 7.65 6.92 1.36
CA ILE A 99 7.83 5.96 2.48
C ILE A 99 9.27 5.95 3.00
N ASN A 100 10.23 5.92 2.09
N ASN A 100 10.24 5.93 2.08
CA ASN A 100 11.64 6.01 2.46
CA ASN A 100 11.65 6.08 2.49
C ASN A 100 11.94 7.35 3.18
C ASN A 100 11.83 7.35 3.30
N GLU A 101 11.30 8.44 2.76
CA GLU A 101 11.60 9.72 3.32
C GLU A 101 11.07 9.80 4.82
N ILE A 102 9.95 9.19 5.11
CA ILE A 102 9.41 9.25 6.45
C ILE A 102 9.89 8.11 7.37
N ARG A 103 10.86 7.34 6.91
CA ARG A 103 11.45 6.26 7.71
C ARG A 103 11.73 6.67 9.17
N PRO A 104 12.43 7.81 9.43
CA PRO A 104 12.76 8.19 10.80
C PRO A 104 11.48 8.32 11.66
N PHE A 105 10.40 8.82 11.06
CA PHE A 105 9.12 8.90 11.75
C PHE A 105 8.57 7.53 11.95
N LEU A 106 8.60 6.72 10.88
CA LEU A 106 7.94 5.41 11.03
C LEU A 106 8.66 4.47 12.06
N ARG A 107 9.98 4.53 12.14
CA ARG A 107 10.74 3.72 13.08
C ARG A 107 10.37 4.01 14.55
N VAL A 108 10.15 5.27 14.87
CA VAL A 108 9.75 5.65 16.23
C VAL A 108 8.27 5.28 16.44
N ALA A 109 7.40 5.65 15.49
CA ALA A 109 5.96 5.37 15.62
C ALA A 109 5.73 3.86 15.77
N MET A 110 6.63 3.05 15.20
CA MET A 110 6.44 1.60 15.28
C MET A 110 7.22 0.96 16.43
N GLY A 111 7.88 1.76 17.24
CA GLY A 111 8.56 1.20 18.42
C GLY A 111 9.91 0.59 18.11
N PHE A 112 10.39 0.74 16.89
CA PHE A 112 11.68 0.14 16.55
C PHE A 112 12.87 1.02 16.94
N ALA A 113 12.61 2.24 17.41
CA ALA A 113 13.65 3.21 17.81
C ALA A 113 12.97 4.19 18.75
N GLU A 114 13.79 4.85 19.56
CA GLU A 114 13.26 5.84 20.49
C GLU A 114 13.41 7.23 19.86
N GLY A 115 12.59 8.19 20.23
CA GLY A 115 12.75 9.49 19.61
C GLY A 115 11.54 10.26 19.99
N ASP A 116 11.46 11.50 19.48
CA ASP A 116 10.38 12.41 19.81
C ASP A 116 9.30 12.32 18.72
N LEU A 117 8.23 11.62 19.05
CA LEU A 117 7.24 11.28 18.07
C LEU A 117 6.55 12.54 17.52
N GLU A 118 6.16 13.45 18.40
CA GLU A 118 5.49 14.66 17.94
C GLU A 118 6.39 15.50 17.05
N LYS A 119 7.68 15.61 17.41
CA LYS A 119 8.64 16.40 16.62
C LYS A 119 8.81 15.79 15.19
N LEU A 120 9.01 14.47 15.14
CA LEU A 120 9.12 13.70 13.89
C LEU A 120 7.88 13.84 13.02
N SER A 121 6.73 13.84 13.65
CA SER A 121 5.51 14.09 12.96
C SER A 121 5.52 15.50 12.31
N ASN A 122 5.88 16.53 13.08
CA ASN A 122 5.86 17.94 12.67
C ASN A 122 6.94 18.19 11.61
N GLU A 123 8.09 17.56 11.79
CA GLU A 123 9.23 17.91 10.96
C GLU A 123 9.48 16.96 9.82
N VAL A 124 9.10 15.72 9.96
CA VAL A 124 9.42 14.72 8.93
C VAL A 124 8.11 14.26 8.22
N PHE A 125 7.16 13.76 8.97
CA PHE A 125 6.02 13.17 8.35
C PHE A 125 5.13 14.18 7.59
N LEU A 126 4.65 15.21 8.29
CA LEU A 126 3.71 16.10 7.64
C LEU A 126 4.31 16.92 6.44
N PRO A 127 5.57 17.44 6.58
CA PRO A 127 6.22 18.06 5.39
C PRO A 127 6.39 17.06 4.23
N ALA A 128 6.78 15.80 4.53
CA ALA A 128 6.88 14.83 3.42
C ALA A 128 5.52 14.59 2.79
N ARG A 129 4.42 14.44 3.58
CA ARG A 129 3.03 14.08 3.09
C ARG A 129 2.62 15.31 2.25
N GLU A 130 3.02 16.51 2.70
CA GLU A 130 2.63 17.72 1.95
C GLU A 130 3.17 17.67 0.48
N LYS A 131 4.43 17.31 0.33
CA LYS A 131 4.95 17.27 -1.02
C LYS A 131 4.26 16.13 -1.81
N PHE A 132 4.16 14.96 -1.16
CA PHE A 132 3.60 13.76 -1.87
C PHE A 132 2.09 14.00 -2.25
N PHE A 133 1.29 14.46 -1.28
CA PHE A 133 -0.11 14.79 -1.55
C PHE A 133 -0.26 15.91 -2.59
N GLY A 134 0.69 16.84 -2.65
CA GLY A 134 0.60 17.86 -3.68
C GLY A 134 0.80 17.23 -5.05
N PHE A 135 1.77 16.35 -5.20
CA PHE A 135 1.89 15.68 -6.54
C PHE A 135 0.68 14.82 -6.85
N MET A 136 0.17 14.07 -5.88
CA MET A 136 -0.99 13.19 -6.14
C MET A 136 -2.21 14.04 -6.51
N THR A 137 -2.39 15.15 -5.80
CA THR A 137 -3.48 16.09 -6.17
C THR A 137 -3.38 16.63 -7.60
N ASN A 138 -2.18 16.90 -8.11
CA ASN A 138 -2.10 17.33 -9.55
C ASN A 138 -2.62 16.21 -10.46
N PHE A 139 -2.30 14.94 -10.12
CA PHE A 139 -2.89 13.84 -10.94
C PHE A 139 -4.44 13.84 -10.85
N LEU A 140 -5.00 14.03 -9.67
CA LEU A 140 -6.46 13.97 -9.50
C LEU A 140 -7.13 15.17 -10.20
N LYS A 141 -6.50 16.36 -10.18
CA LYS A 141 -6.98 17.53 -11.00
C LYS A 141 -6.98 17.22 -12.50
N GLU A 142 -5.99 16.48 -13.00
CA GLU A 142 -5.91 16.10 -14.41
C GLU A 142 -6.89 14.94 -14.81
N SER A 143 -7.15 13.99 -13.91
CA SER A 143 -7.93 12.80 -14.28
C SER A 143 -9.37 13.14 -14.49
N LYS A 144 -9.91 13.97 -13.60
CA LYS A 144 -11.31 14.22 -13.53
C LYS A 144 -12.23 12.97 -13.66
N SER A 145 -11.78 11.78 -13.20
CA SER A 145 -12.67 10.60 -12.98
C SER A 145 -12.75 10.34 -11.48
N GLY A 146 -11.99 11.10 -10.68
CA GLY A 146 -11.73 10.79 -9.29
C GLY A 146 -10.62 9.74 -9.00
N TYR A 147 -10.08 9.10 -10.03
CA TYR A 147 -8.94 8.14 -9.87
C TYR A 147 -7.63 8.79 -10.32
N LEU A 148 -6.51 8.23 -9.85
CA LEU A 148 -5.22 8.87 -10.12
C LEU A 148 -4.91 8.77 -11.62
N VAL A 149 -5.21 7.63 -12.25
CA VAL A 149 -4.82 7.45 -13.64
C VAL A 149 -6.03 6.85 -14.41
N GLY A 150 -6.44 7.49 -15.49
CA GLY A 150 -7.51 6.91 -16.33
C GLY A 150 -8.86 6.98 -15.61
N ASP A 151 -9.76 6.12 -16.00
CA ASP A 151 -11.16 6.23 -15.56
C ASP A 151 -11.56 5.21 -14.54
N SER A 152 -10.63 4.32 -14.18
CA SER A 152 -10.99 3.40 -13.15
C SER A 152 -9.86 3.11 -12.20
N LEU A 153 -10.19 2.35 -11.17
CA LEU A 153 -9.33 2.03 -10.07
C LEU A 153 -8.07 1.29 -10.54
N THR A 154 -6.90 1.69 -10.04
CA THR A 154 -5.70 0.92 -10.24
C THR A 154 -5.01 0.73 -8.89
N PHE A 155 -3.97 -0.11 -8.82
CA PHE A 155 -3.33 -0.29 -7.54
C PHE A 155 -2.59 0.99 -7.07
N ALA A 156 -2.32 1.95 -7.96
CA ALA A 156 -1.83 3.22 -7.42
C ALA A 156 -2.88 3.85 -6.48
N ASP A 157 -4.17 3.82 -6.86
CA ASP A 157 -5.27 4.35 -6.03
C ASP A 157 -5.25 3.60 -4.68
N LEU A 158 -5.00 2.31 -4.77
CA LEU A 158 -5.10 1.51 -3.52
C LEU A 158 -3.98 1.93 -2.53
N TYR A 159 -2.71 2.07 -2.99
CA TYR A 159 -1.60 2.48 -2.06
C TYR A 159 -1.94 3.83 -1.40
N LEU A 160 -2.42 4.78 -2.20
CA LEU A 160 -2.62 6.14 -1.68
C LEU A 160 -3.75 6.15 -0.67
N ALA A 161 -4.91 5.56 -1.01
CA ALA A 161 -6.07 5.57 -0.08
C ALA A 161 -5.76 4.85 1.23
N GLU A 162 -5.07 3.73 1.16
CA GLU A 162 -4.79 2.94 2.36
C GLU A 162 -3.83 3.74 3.32
N CYS A 163 -2.80 4.29 2.74
CA CYS A 163 -1.85 5.02 3.51
C CYS A 163 -2.50 6.30 4.05
N ALA A 164 -3.23 7.04 3.24
CA ALA A 164 -3.93 8.25 3.75
C ALA A 164 -4.96 7.83 4.89
N SER A 165 -5.77 6.77 4.66
CA SER A 165 -6.79 6.41 5.66
C SER A 165 -6.15 5.94 6.95
N GLU A 166 -5.08 5.17 6.84
CA GLU A 166 -4.46 4.65 8.02
C GLU A 166 -3.74 5.70 8.84
N PHE A 167 -2.92 6.52 8.18
CA PHE A 167 -2.24 7.63 8.88
C PHE A 167 -3.25 8.59 9.51
N ALA A 168 -4.43 8.70 8.91
CA ALA A 168 -5.47 9.60 9.42
C ALA A 168 -5.91 9.19 10.82
N LYS A 169 -5.72 7.91 11.18
CA LYS A 169 -6.21 7.43 12.48
C LYS A 169 -5.54 8.16 13.65
N LYS A 170 -4.23 8.35 13.60
CA LYS A 170 -3.56 9.07 14.68
C LYS A 170 -3.04 10.48 14.30
N THR A 171 -3.01 10.79 13.00
CA THR A 171 -2.56 12.11 12.53
C THR A 171 -3.81 12.82 12.04
N PRO A 172 -4.51 13.53 12.96
CA PRO A 172 -5.85 14.04 12.62
C PRO A 172 -5.84 15.09 11.51
N THR A 173 -4.72 15.79 11.33
CA THR A 173 -4.72 16.90 10.41
C THR A 173 -4.22 16.44 9.04
N ILE A 174 -4.13 15.12 8.82
CA ILE A 174 -3.39 14.66 7.62
C ILE A 174 -4.06 15.17 6.33
N PHE A 175 -5.40 15.29 6.30
CA PHE A 175 -6.12 15.84 5.13
C PHE A 175 -6.23 17.37 5.07
N ASP A 176 -5.75 18.09 6.11
CA ASP A 176 -5.90 19.54 6.12
C ASP A 176 -5.19 20.16 4.89
N GLY A 177 -5.94 20.88 4.05
CA GLY A 177 -5.39 21.50 2.82
C GLY A 177 -5.35 20.59 1.60
N PHE A 178 -5.81 19.34 1.76
CA PHE A 178 -5.87 18.40 0.68
C PHE A 178 -7.28 17.72 0.59
N PRO A 179 -8.27 18.51 0.17
CA PRO A 179 -9.61 17.98 0.13
C PRO A 179 -9.76 16.95 -1.00
N GLU A 180 -9.03 17.06 -2.14
CA GLU A 180 -9.04 16.01 -3.18
C GLU A 180 -8.52 14.67 -2.65
N ILE A 181 -7.43 14.71 -1.88
CA ILE A 181 -6.90 13.48 -1.30
C ILE A 181 -7.94 12.82 -0.37
N LYS A 182 -8.62 13.63 0.44
CA LYS A 182 -9.66 13.05 1.34
C LYS A 182 -10.76 12.44 0.51
N ALA A 183 -11.29 13.17 -0.49
CA ALA A 183 -12.34 12.60 -1.35
C ALA A 183 -11.91 11.27 -2.06
N HIS A 184 -10.63 11.18 -2.46
CA HIS A 184 -10.15 9.97 -3.15
C HIS A 184 -10.15 8.78 -2.19
N ALA A 185 -9.70 8.99 -0.97
CA ALA A 185 -9.61 7.90 0.02
C ALA A 185 -11.03 7.43 0.32
N GLU A 186 -11.98 8.37 0.47
CA GLU A 186 -13.38 8.00 0.70
C GLU A 186 -13.95 7.29 -0.48
N LYS A 187 -13.66 7.76 -1.67
CA LYS A 187 -14.15 7.09 -2.87
C LYS A 187 -13.59 5.65 -2.98
N VAL A 188 -12.28 5.48 -2.77
CA VAL A 188 -11.69 4.16 -2.91
C VAL A 188 -12.26 3.21 -1.84
N ARG A 189 -12.33 3.66 -0.60
CA ARG A 189 -12.85 2.84 0.48
C ARG A 189 -14.39 2.60 0.48
N SER A 190 -15.12 3.29 -0.38
CA SER A 190 -16.52 3.00 -0.49
C SER A 190 -16.65 1.85 -1.52
N ASN A 191 -15.57 1.47 -2.21
CA ASN A 191 -15.65 0.22 -3.02
C ASN A 191 -16.17 -0.96 -2.13
N PRO A 192 -17.33 -1.61 -2.48
CA PRO A 192 -17.95 -2.56 -1.51
C PRO A 192 -17.04 -3.75 -1.14
N ALA A 193 -16.32 -4.32 -2.12
CA ALA A 193 -15.38 -5.39 -1.81
C ALA A 193 -14.28 -4.92 -0.81
N LEU A 194 -13.68 -3.74 -1.05
CA LEU A 194 -12.66 -3.27 -0.07
C LEU A 194 -13.19 -2.97 1.27
N LYS A 195 -14.34 -2.33 1.26
CA LYS A 195 -14.95 -1.92 2.52
C LYS A 195 -15.19 -3.15 3.43
N LYS A 196 -15.67 -4.24 2.84
CA LYS A 196 -15.89 -5.47 3.61
C LYS A 196 -14.57 -6.11 4.05
N TRP A 197 -13.54 -6.02 3.19
CA TRP A 197 -12.24 -6.57 3.62
C TRP A 197 -11.67 -5.75 4.79
N ILE A 198 -11.74 -4.43 4.68
CA ILE A 198 -11.29 -3.61 5.80
C ILE A 198 -12.03 -3.97 7.14
N GLU A 199 -13.33 -4.26 7.07
CA GLU A 199 -14.03 -4.71 8.30
C GLU A 199 -13.58 -6.11 8.73
N THR A 200 -13.29 -6.99 7.78
CA THR A 200 -13.13 -8.40 8.15
C THR A 200 -11.67 -8.80 8.44
N ARG A 201 -10.70 -8.05 7.88
CA ARG A 201 -9.28 -8.45 7.97
C ARG A 201 -8.81 -8.51 9.46
N PRO A 202 -7.71 -9.21 9.75
CA PRO A 202 -7.20 -9.28 11.10
C PRO A 202 -6.81 -7.88 11.54
N GLU A 203 -7.03 -7.60 12.82
CA GLU A 203 -6.88 -6.27 13.29
C GLU A 203 -5.47 -6.24 13.86
N THR A 204 -4.53 -5.53 13.22
CA THR A 204 -3.13 -5.50 13.71
C THR A 204 -2.66 -4.06 13.85
N LYS A 205 -1.61 -3.85 14.64
CA LYS A 205 -1.07 -2.51 14.97
C LYS A 205 -0.41 -1.93 13.70
N PHE A 206 0.28 -2.76 12.94
CA PHE A 206 0.84 -2.26 11.68
C PHE A 206 0.47 -3.04 10.43
N1 GSH B . 11.63 -3.64 -0.96
N1 GSH B . 11.66 -3.68 -0.99
CA1 GSH B . 11.08 -4.78 -0.21
CA1 GSH B . 11.16 -4.86 -0.27
C1 GSH B . 9.62 -4.95 -0.59
C1 GSH B . 9.67 -4.96 -0.60
O11 GSH B . 9.07 -6.08 -0.56
O11 GSH B . 9.08 -6.06 -0.57
O12 GSH B . 8.99 -3.93 -0.95
O12 GSH B . 9.07 -3.91 -0.90
CB1 GSH B . 11.22 -4.57 1.30
CB1 GSH B . 11.34 -4.70 1.25
CG1 GSH B . 10.86 -5.89 2.02
CG1 GSH B . 10.99 -6.03 1.97
CD1 GSH B . 11.00 -5.74 3.55
CD1 GSH B . 11.31 -5.91 3.47
OE1 GSH B . 11.38 -4.69 4.07
OE1 GSH B . 12.03 -4.98 3.88
N2 GSH B . 10.75 -6.81 4.30
N2 GSH B . 10.82 -6.84 4.31
CA2 GSH B . 10.80 -6.81 5.74
CA2 GSH B . 10.93 -6.81 5.77
C2 GSH B . 11.42 -8.09 6.20
C2 GSH B . 11.47 -8.13 6.24
O2 GSH B . 11.13 -9.14 5.64
O2 GSH B . 11.08 -9.17 5.71
CB2 GSH B . 9.35 -6.73 6.26
CB2 GSH B . 9.52 -6.71 6.41
SG2 GSH B . 9.30 -6.40 8.02
SG2 GSH B . 8.57 -5.36 5.69
N3 GSH B . 12.26 -8.05 7.26
N3 GSH B . 12.31 -8.08 7.29
CA3 GSH B . 12.74 -9.28 7.87
CA3 GSH B . 12.78 -9.30 7.91
C3 GSH B . 14.20 -9.53 7.51
C3 GSH B . 14.27 -9.55 7.61
O31 GSH B . 14.73 -10.57 7.92
O31 GSH B . 14.79 -10.51 8.15
O32 GSH B . 14.82 -8.71 6.82
O32 GSH B . 14.94 -8.84 6.83
S SO4 C . -8.57 -2.24 10.90
O1 SO4 C . -8.50 -3.49 10.11
O2 SO4 C . -7.51 -2.28 11.90
O3 SO4 C . -8.40 -1.01 10.03
O4 SO4 C . -9.89 -2.20 11.58
C1 GOL D . -1.47 -15.02 13.48
O1 GOL D . -2.47 -14.78 12.44
C2 GOL D . -0.41 -16.02 13.01
O2 GOL D . -0.42 -16.19 11.58
C3 GOL D . 1.03 -15.72 13.37
O3 GOL D . 1.77 -16.92 13.04
C1 GOL E . 2.24 15.48 -10.89
O1 GOL E . 2.76 16.69 -10.34
C2 GOL E . 1.53 15.73 -12.27
O2 GOL E . 1.39 17.10 -12.65
C3 GOL E . 2.15 15.02 -13.45
O3 GOL E . 1.06 14.83 -14.35
C1 GOL F . 10.12 -8.81 12.26
O1 GOL F . 11.27 -9.63 11.97
C2 GOL F . 8.93 -9.70 12.62
O2 GOL F . 9.28 -10.57 13.70
C3 GOL F . 7.66 -8.92 13.02
O3 GOL F . 6.71 -9.81 13.62
#